data_5IZ9
#
_entry.id   5IZ9
#
_cell.length_a   64.133
_cell.length_b   64.559
_cell.length_c   84.912
_cell.angle_alpha   90.00
_cell.angle_beta   90.00
_cell.angle_gamma   90.00
#
_symmetry.space_group_name_H-M   'P 21 21 21'
#
loop_
_entity.id
_entity.type
_entity.pdbx_description
1 polymer 'Adenomatous polyposis coli protein'
2 polymer ACE-GLY-GLY-GLU-ALA-LEU-ALA-ASP-NH2
3 water water
#
loop_
_entity_poly.entity_id
_entity_poly.type
_entity_poly.pdbx_seq_one_letter_code
_entity_poly.pdbx_strand_id
1 'polypeptide(L)'
;MGHHHHHHMLHLLEQIRAYCETCWEWQEAHEPGMDQDKNPMPAPVEHQICPAVCVLMKLSFDEEHRHAMNELGGLQAIAE
LLQVDCEMYGLTNDHYSITLRRYAGMALTNLTFGDVANKATLCSMKGCMRALVAQLKSESEDLQQVIASVLRNLSWRADV
NSKKTLREVGSVKALMECALEVKKESTLKSVLSALWNLSAHCTENKADICAVDGALAFLVGTLTYRSQTNTLAIIESGGG
ILRNVSSLIATNEDHRQILRENNCLQTLLQHLKSHSLTIVSNACGTLWNLSARNPKDQEALWDMGAVSMLKNLIHSKHKM
IAMGSAAALRNLMANRPAKYKDANIMSPGSSLPS
;
A
2 'polypeptide(L)' (ACE)GGEALAD(NH2) B
#
# COMPACT_ATOMS: atom_id res chain seq x y z
N MET A 9 -11.63 16.69 28.68
CA MET A 9 -12.39 15.66 27.92
C MET A 9 -13.65 16.25 27.29
N LEU A 10 -13.69 16.28 25.96
CA LEU A 10 -14.87 16.67 25.19
C LEU A 10 -15.40 15.40 24.49
N HIS A 11 -16.68 15.11 24.66
CA HIS A 11 -17.32 13.99 23.96
C HIS A 11 -17.90 14.47 22.64
N LEU A 12 -17.01 14.59 21.66
CA LEU A 12 -17.39 14.84 20.28
C LEU A 12 -17.79 13.50 19.64
N LEU A 13 -17.41 12.39 20.27
CA LEU A 13 -17.91 11.06 19.93
C LEU A 13 -19.43 11.03 19.98
N GLU A 14 -19.98 11.59 21.06
CA GLU A 14 -21.44 11.68 21.25
C GLU A 14 -22.13 12.54 20.19
N GLN A 15 -21.49 13.64 19.80
CA GLN A 15 -21.99 14.47 18.70
C GLN A 15 -21.99 13.70 17.39
N ILE A 16 -20.89 13.00 17.13
CA ILE A 16 -20.71 12.23 15.90
C ILE A 16 -21.62 10.99 15.90
N ARG A 17 -21.72 10.31 17.04
CA ARG A 17 -22.69 9.22 17.22
C ARG A 17 -24.13 9.70 16.99
N ALA A 18 -24.46 10.87 17.54
CA ALA A 18 -25.78 11.50 17.32
C ALA A 18 -25.98 11.89 15.85
N TYR A 19 -24.95 12.44 15.21
CA TYR A 19 -25.02 12.82 13.80
C TYR A 19 -25.23 11.60 12.90
N CYS A 20 -24.49 10.53 13.18
CA CYS A 20 -24.62 9.27 12.43
C CYS A 20 -26.02 8.65 12.54
N GLU A 21 -26.61 8.77 13.73
CA GLU A 21 -27.98 8.31 13.94
C GLU A 21 -28.98 9.02 13.03
N THR A 22 -28.85 10.34 12.91
CA THR A 22 -29.68 11.15 12.01
C THR A 22 -29.51 10.72 10.54
N CYS A 23 -28.28 10.39 10.16
CA CYS A 23 -27.98 9.92 8.81
C CYS A 23 -28.50 8.51 8.55
N TRP A 24 -28.45 7.65 9.56
CA TRP A 24 -28.98 6.28 9.46
C TRP A 24 -30.50 6.26 9.35
N GLU A 25 -31.17 7.03 10.18
CA GLU A 25 -32.64 7.21 10.11
C GLU A 25 -33.05 7.61 8.70
N TRP A 26 -32.36 8.60 8.17
CA TRP A 26 -32.57 9.08 6.81
C TRP A 26 -32.34 7.98 5.77
N GLN A 27 -31.29 7.16 5.95
CA GLN A 27 -31.00 6.04 5.04
C GLN A 27 -32.07 4.93 5.07
N GLU A 28 -32.63 4.65 6.25
CA GLU A 28 -33.73 3.69 6.39
C GLU A 28 -34.97 4.13 5.63
N ALA A 29 -35.30 5.42 5.77
CA ALA A 29 -36.46 6.01 5.08
C ALA A 29 -36.26 6.14 3.57
N HIS A 30 -35.01 6.41 3.15
CA HIS A 30 -34.70 6.69 1.74
C HIS A 30 -33.81 5.59 1.18
N GLU A 31 -34.34 4.37 1.21
CA GLU A 31 -33.65 3.17 0.72
C GLU A 31 -33.38 3.20 -0.80
N PRO A 32 -32.53 2.28 -1.30
CA PRO A 32 -32.46 2.07 -2.75
C PRO A 32 -33.79 1.50 -3.31
N GLY A 33 -34.62 2.38 -3.89
CA GLY A 33 -35.92 1.99 -4.42
C GLY A 33 -36.84 3.18 -4.61
N ASN A 39 -37.74 14.19 2.46
CA ASN A 39 -36.71 14.09 1.43
C ASN A 39 -35.35 14.72 1.78
N PRO A 40 -35.32 15.85 2.52
CA PRO A 40 -34.04 16.59 2.65
C PRO A 40 -32.97 15.86 3.48
N MET A 41 -31.79 15.72 2.89
CA MET A 41 -30.69 14.91 3.44
C MET A 41 -29.94 15.70 4.52
N PRO A 42 -29.51 15.02 5.62
CA PRO A 42 -28.72 15.73 6.64
C PRO A 42 -27.37 16.24 6.12
N ALA A 43 -27.01 17.47 6.50
CA ALA A 43 -25.75 18.10 6.07
C ALA A 43 -24.82 18.26 7.28
N PRO A 44 -23.54 17.84 7.14
CA PRO A 44 -22.61 17.93 8.28
C PRO A 44 -22.10 19.35 8.62
N VAL A 45 -22.26 20.30 7.69
CA VAL A 45 -21.97 21.72 8.00
C VAL A 45 -22.90 22.28 9.08
N GLU A 46 -24.15 21.82 9.10
CA GLU A 46 -25.15 22.31 10.05
C GLU A 46 -24.94 21.82 11.49
N HIS A 47 -24.24 20.70 11.64
CA HIS A 47 -23.92 20.15 12.98
C HIS A 47 -22.47 20.38 13.40
N GLN A 48 -21.71 21.14 12.60
CA GLN A 48 -20.28 21.37 12.82
C GLN A 48 -19.56 20.03 13.06
N ILE A 49 -19.55 19.19 12.04
CA ILE A 49 -18.93 17.87 12.14
C ILE A 49 -17.43 17.97 11.84
N CYS A 50 -17.07 18.75 10.82
CA CYS A 50 -15.67 18.85 10.37
C CYS A 50 -14.71 19.49 11.39
N PRO A 51 -15.16 20.52 12.14
CA PRO A 51 -14.37 20.98 13.29
C PRO A 51 -14.33 19.97 14.43
N ALA A 52 -15.42 19.23 14.64
CA ALA A 52 -15.49 18.22 15.69
C ALA A 52 -14.54 17.03 15.45
N VAL A 53 -14.48 16.56 14.20
CA VAL A 53 -13.55 15.49 13.82
C VAL A 53 -12.10 15.98 13.68
N CYS A 54 -11.91 17.25 13.30
CA CYS A 54 -10.58 17.91 13.31
C CYS A 54 -9.89 17.84 14.68
N VAL A 55 -10.68 18.00 15.74
CA VAL A 55 -10.19 17.88 17.11
C VAL A 55 -9.82 16.43 17.43
N LEU A 56 -10.73 15.49 17.13
CA LEU A 56 -10.48 14.06 17.38
C LEU A 56 -9.29 13.51 16.57
N MET A 57 -9.04 14.10 15.41
CA MET A 57 -7.84 13.79 14.61
C MET A 57 -6.58 14.22 15.33
N LYS A 58 -6.59 15.45 15.85
CA LYS A 58 -5.43 16.02 16.55
C LYS A 58 -5.21 15.41 17.94
N LEU A 59 -6.26 14.85 18.55
CA LEU A 59 -6.13 14.13 19.83
C LEU A 59 -5.53 12.73 19.68
N SER A 60 -5.75 12.08 18.54
CA SER A 60 -5.27 10.71 18.30
C SER A 60 -3.74 10.55 18.20
N PHE A 61 -3.00 11.65 18.03
CA PHE A 61 -1.54 11.62 18.05
C PHE A 61 -0.98 11.20 19.41
N ASP A 62 -1.52 11.78 20.48
CA ASP A 62 -1.14 11.43 21.84
C ASP A 62 -1.75 10.07 22.24
N GLU A 63 -0.89 9.12 22.65
CA GLU A 63 -1.33 7.76 22.98
C GLU A 63 -2.15 7.63 24.28
N GLU A 64 -2.11 8.66 25.13
CA GLU A 64 -2.90 8.67 26.36
C GLU A 64 -4.37 8.89 25.99
N HIS A 65 -4.60 9.82 25.06
CA HIS A 65 -5.95 10.08 24.53
C HIS A 65 -6.48 8.91 23.69
N ARG A 66 -5.58 8.24 22.95
CA ARG A 66 -5.93 7.01 22.23
C ARG A 66 -6.47 5.92 23.16
N HIS A 67 -5.83 5.76 24.32
CA HIS A 67 -6.26 4.79 25.33
C HIS A 67 -7.69 5.07 25.79
N ALA A 68 -8.03 6.36 25.93
CA ALA A 68 -9.39 6.79 26.26
C ALA A 68 -10.34 6.47 25.11
N MET A 69 -9.96 6.89 23.90
CA MET A 69 -10.77 6.64 22.70
C MET A 69 -11.09 5.16 22.46
N ASN A 70 -10.13 4.28 22.71
CA ASN A 70 -10.30 2.86 22.41
C ASN A 70 -11.29 2.12 23.32
N GLU A 71 -11.34 2.50 24.60
CA GLU A 71 -12.30 1.90 25.54
C GLU A 71 -13.73 2.39 25.27
N LEU A 72 -13.88 3.69 25.03
CA LEU A 72 -15.17 4.31 24.71
C LEU A 72 -15.78 3.78 23.39
N GLY A 73 -14.91 3.47 22.43
CA GLY A 73 -15.32 3.03 21.08
C GLY A 73 -15.25 4.13 20.04
N GLY A 74 -14.20 4.96 20.11
CA GLY A 74 -14.03 6.12 19.23
C GLY A 74 -13.54 5.79 17.83
N LEU A 75 -12.90 4.62 17.67
CA LEU A 75 -12.56 4.08 16.35
C LEU A 75 -13.82 3.83 15.55
N GLN A 76 -14.79 3.16 16.19
CA GLN A 76 -16.05 2.81 15.55
C GLN A 76 -16.74 4.09 15.09
N ALA A 77 -17.02 4.99 16.02
CA ALA A 77 -17.72 6.24 15.73
C ALA A 77 -17.14 7.01 14.54
N ILE A 78 -15.82 7.11 14.47
CA ILE A 78 -15.17 7.83 13.35
C ILE A 78 -15.28 7.04 12.05
N ALA A 79 -15.10 5.72 12.13
CA ALA A 79 -15.35 4.83 10.99
C ALA A 79 -16.81 4.83 10.54
N GLU A 80 -17.75 5.01 11.49
CA GLU A 80 -19.18 5.11 11.16
C GLU A 80 -19.42 6.38 10.34
N LEU A 81 -18.82 7.49 10.79
CA LEU A 81 -18.92 8.79 10.14
C LEU A 81 -18.36 8.80 8.72
N LEU A 82 -17.16 8.29 8.57
CA LEU A 82 -16.52 8.19 7.25
C LEU A 82 -17.43 7.44 6.29
N GLN A 83 -17.86 6.26 6.72
CA GLN A 83 -18.71 5.34 5.96
C GLN A 83 -20.01 5.98 5.49
N VAL A 84 -20.77 6.52 6.44
CA VAL A 84 -22.07 7.10 6.13
C VAL A 84 -21.96 8.30 5.20
N ASP A 85 -20.94 9.16 5.40
CA ASP A 85 -20.70 10.31 4.52
C ASP A 85 -20.38 9.88 3.09
N CYS A 86 -19.50 8.89 2.93
CA CYS A 86 -19.19 8.31 1.63
C CYS A 86 -20.40 7.64 0.96
N GLU A 87 -21.16 6.87 1.74
CA GLU A 87 -22.39 6.24 1.26
C GLU A 87 -23.41 7.25 0.72
N MET A 88 -23.60 8.35 1.46
CA MET A 88 -24.58 9.37 1.10
C MET A 88 -24.17 10.21 -0.10
N TYR A 89 -22.99 10.81 -0.02
CA TYR A 89 -22.54 11.79 -1.02
C TYR A 89 -21.60 11.25 -2.10
N GLY A 90 -20.96 10.10 -1.87
CA GLY A 90 -20.14 9.44 -2.89
C GLY A 90 -18.88 10.19 -3.22
N LEU A 91 -18.41 10.05 -4.47
CA LEU A 91 -17.19 10.73 -4.94
C LEU A 91 -17.45 12.19 -5.28
N THR A 92 -17.52 13.03 -4.25
CA THR A 92 -17.76 14.47 -4.39
C THR A 92 -16.45 15.23 -4.34
N ASN A 93 -16.47 16.44 -4.90
CA ASN A 93 -15.35 17.39 -4.80
C ASN A 93 -15.68 18.55 -3.85
N ASP A 94 -16.50 18.27 -2.83
CA ASP A 94 -16.94 19.28 -1.87
C ASP A 94 -15.84 19.51 -0.84
N HIS A 95 -15.46 20.78 -0.64
CA HIS A 95 -14.45 21.16 0.37
C HIS A 95 -14.72 20.50 1.73
N TYR A 96 -15.94 20.65 2.22
CA TYR A 96 -16.32 20.17 3.56
C TYR A 96 -16.31 18.64 3.63
N SER A 97 -16.83 17.99 2.58
CA SER A 97 -16.99 16.53 2.57
C SER A 97 -15.66 15.75 2.44
N ILE A 98 -14.72 16.29 1.68
CA ILE A 98 -13.38 15.69 1.55
C ILE A 98 -12.59 15.87 2.85
N THR A 99 -12.53 17.10 3.34
CA THR A 99 -11.81 17.42 4.58
C THR A 99 -12.31 16.57 5.77
N LEU A 100 -13.63 16.40 5.84
CA LEU A 100 -14.26 15.53 6.83
C LEU A 100 -13.66 14.12 6.76
N ARG A 101 -13.58 13.59 5.53
CA ARG A 101 -13.03 12.26 5.31
C ARG A 101 -11.52 12.20 5.53
N ARG A 102 -10.80 13.26 5.17
CA ARG A 102 -9.35 13.34 5.39
C ARG A 102 -9.01 13.20 6.87
N TYR A 103 -9.65 14.01 7.69
CA TYR A 103 -9.41 13.98 9.13
C TYR A 103 -9.88 12.67 9.75
N ALA A 104 -11.01 12.15 9.27
CA ALA A 104 -11.51 10.83 9.70
C ALA A 104 -10.46 9.76 9.44
N GLY A 105 -9.94 9.73 8.22
CA GLY A 105 -8.88 8.80 7.83
C GLY A 105 -7.58 8.98 8.60
N MET A 106 -7.22 10.23 8.89
CA MET A 106 -6.02 10.53 9.69
C MET A 106 -6.13 10.03 11.11
N ALA A 107 -7.29 10.27 11.73
CA ALA A 107 -7.61 9.67 13.04
C ALA A 107 -7.57 8.13 13.00
N LEU A 108 -8.13 7.54 11.94
CA LEU A 108 -8.05 6.09 11.72
C LEU A 108 -6.62 5.58 11.50
N THR A 109 -5.79 6.36 10.81
CA THR A 109 -4.36 6.04 10.65
C THR A 109 -3.68 5.95 12.03
N ASN A 110 -3.98 6.90 12.92
CA ASN A 110 -3.37 6.95 14.26
C ASN A 110 -3.95 5.91 15.22
N LEU A 111 -5.24 5.62 15.11
CA LEU A 111 -5.86 4.55 15.91
C LEU A 111 -5.42 3.14 15.49
N THR A 112 -5.23 2.92 14.20
CA THR A 112 -4.73 1.64 13.70
C THR A 112 -3.25 1.40 13.99
N PHE A 113 -2.49 2.48 14.16
CA PHE A 113 -1.05 2.40 14.34
C PHE A 113 -0.67 1.64 15.62
N GLY A 114 0.17 0.63 15.46
CA GLY A 114 0.72 -0.16 16.57
C GLY A 114 -0.29 -0.92 17.41
N ASP A 115 -1.47 -1.16 16.84
CA ASP A 115 -2.64 -1.61 17.61
C ASP A 115 -3.27 -2.83 16.90
N VAL A 116 -3.09 -4.01 17.49
CA VAL A 116 -3.56 -5.27 16.90
C VAL A 116 -5.08 -5.33 16.89
N ALA A 117 -5.71 -4.86 17.98
CA ALA A 117 -7.16 -4.89 18.12
C ALA A 117 -7.87 -3.93 17.16
N ASN A 118 -7.41 -2.68 17.13
CA ASN A 118 -7.98 -1.64 16.25
C ASN A 118 -7.87 -1.97 14.74
N LYS A 119 -6.80 -2.66 14.35
CA LYS A 119 -6.66 -3.18 12.99
C LYS A 119 -7.71 -4.26 12.68
N ALA A 120 -7.93 -5.17 13.64
CA ALA A 120 -8.86 -6.29 13.47
C ALA A 120 -10.32 -5.85 13.38
N THR A 121 -10.70 -4.89 14.22
CA THR A 121 -12.06 -4.35 14.26
C THR A 121 -12.40 -3.60 12.98
N LEU A 122 -11.58 -2.58 12.66
CA LEU A 122 -11.78 -1.76 11.48
C LEU A 122 -11.98 -2.61 10.22
N CYS A 123 -11.16 -3.65 10.07
CA CYS A 123 -11.29 -4.58 8.95
C CYS A 123 -12.62 -5.33 8.98
N SER A 124 -13.04 -5.80 10.16
CA SER A 124 -14.34 -6.48 10.32
C SER A 124 -15.55 -5.57 10.03
N MET A 125 -15.38 -4.26 10.18
CA MET A 125 -16.38 -3.28 9.74
C MET A 125 -16.39 -3.21 8.21
N LYS A 126 -17.10 -4.16 7.59
CA LYS A 126 -16.99 -4.42 6.16
C LYS A 126 -17.58 -3.32 5.28
N GLY A 127 -18.59 -2.61 5.77
CA GLY A 127 -19.17 -1.47 5.06
C GLY A 127 -18.22 -0.31 4.92
N CYS A 128 -17.56 0.03 6.03
CA CYS A 128 -16.56 1.10 6.05
C CYS A 128 -15.38 0.79 5.12
N MET A 129 -14.94 -0.47 5.12
CA MET A 129 -13.82 -0.87 4.26
C MET A 129 -14.16 -0.69 2.77
N ARG A 130 -15.40 -0.98 2.38
CA ARG A 130 -15.87 -0.73 1.01
C ARG A 130 -15.84 0.76 0.68
N ALA A 131 -16.30 1.58 1.62
CA ALA A 131 -16.19 3.04 1.49
C ALA A 131 -14.73 3.49 1.34
N LEU A 132 -13.86 2.96 2.20
CA LEU A 132 -12.42 3.31 2.15
C LEU A 132 -11.83 3.06 0.76
N VAL A 133 -12.04 1.84 0.25
CA VAL A 133 -11.51 1.46 -1.07
C VAL A 133 -12.08 2.36 -2.18
N ALA A 134 -13.37 2.69 -2.08
CA ALA A 134 -14.03 3.56 -3.06
C ALA A 134 -13.38 4.93 -3.20
N GLN A 135 -12.84 5.47 -2.10
CA GLN A 135 -12.26 6.81 -2.09
C GLN A 135 -10.88 6.94 -2.72
N LEU A 136 -10.29 5.84 -3.23
CA LEU A 136 -9.03 5.91 -3.98
C LEU A 136 -9.20 6.47 -5.41
N LYS A 137 -10.42 6.39 -5.94
CA LYS A 137 -10.77 7.00 -7.23
C LYS A 137 -11.11 8.50 -7.13
N SER A 138 -11.20 9.02 -5.90
CA SER A 138 -11.35 10.46 -5.64
C SER A 138 -10.34 11.32 -6.37
N GLU A 139 -10.78 12.50 -6.78
CA GLU A 139 -9.91 13.47 -7.45
C GLU A 139 -8.97 14.22 -6.49
N SER A 140 -9.27 14.17 -5.18
CA SER A 140 -8.37 14.73 -4.16
C SER A 140 -7.23 13.76 -3.82
N GLU A 141 -6.02 14.09 -4.25
CA GLU A 141 -4.83 13.27 -3.96
C GLU A 141 -4.40 13.30 -2.48
N ASP A 142 -4.86 14.31 -1.74
CA ASP A 142 -4.60 14.38 -0.30
C ASP A 142 -5.40 13.30 0.43
N LEU A 143 -6.63 13.06 -0.05
CA LEU A 143 -7.49 11.98 0.46
C LEU A 143 -6.95 10.60 0.08
N GLN A 144 -6.52 10.44 -1.17
CA GLN A 144 -5.88 9.20 -1.64
C GLN A 144 -4.71 8.80 -0.74
N GLN A 145 -3.88 9.79 -0.40
CA GLN A 145 -2.72 9.61 0.46
C GLN A 145 -3.11 9.11 1.86
N VAL A 146 -4.14 9.71 2.42
CA VAL A 146 -4.64 9.35 3.75
C VAL A 146 -5.33 7.97 3.74
N ILE A 147 -6.15 7.71 2.72
CA ILE A 147 -6.80 6.41 2.56
C ILE A 147 -5.75 5.30 2.39
N ALA A 148 -4.73 5.58 1.58
CA ALA A 148 -3.61 4.66 1.44
C ALA A 148 -2.92 4.40 2.77
N SER A 149 -2.76 5.45 3.58
CA SER A 149 -2.10 5.34 4.88
C SER A 149 -2.86 4.45 5.86
N VAL A 150 -4.19 4.50 5.81
CA VAL A 150 -5.03 3.62 6.61
C VAL A 150 -4.82 2.19 6.14
N LEU A 151 -4.94 1.99 4.82
CA LEU A 151 -4.74 0.67 4.22
C LEU A 151 -3.33 0.09 4.41
N ARG A 152 -2.34 0.97 4.50
N ARG A 152 -2.34 0.97 4.50
CA ARG A 152 -0.95 0.59 4.76
CA ARG A 152 -0.95 0.59 4.76
C ARG A 152 -0.80 -0.07 6.12
C ARG A 152 -0.79 -0.06 6.12
N ASN A 153 -1.35 0.59 7.14
CA ASN A 153 -1.29 0.08 8.52
C ASN A 153 -2.09 -1.21 8.69
N LEU A 154 -3.28 -1.27 8.11
CA LEU A 154 -4.12 -2.47 8.12
C LEU A 154 -3.46 -3.67 7.46
N SER A 155 -2.70 -3.42 6.39
CA SER A 155 -1.91 -4.46 5.72
C SER A 155 -0.61 -4.86 6.45
N TRP A 156 -0.20 -4.08 7.45
CA TRP A 156 1.02 -4.35 8.21
C TRP A 156 0.73 -5.27 9.38
N ARG A 157 1.35 -6.45 9.39
CA ARG A 157 1.18 -7.46 10.44
C ARG A 157 -0.31 -7.77 10.71
N ALA A 158 -1.03 -8.01 9.62
CA ALA A 158 -2.47 -8.23 9.65
C ALA A 158 -2.76 -9.71 10.03
N ASP A 159 -3.77 -9.95 10.85
CA ASP A 159 -4.17 -11.33 11.18
C ASP A 159 -4.88 -11.99 9.99
N VAL A 160 -5.20 -13.28 10.11
CA VAL A 160 -5.77 -14.05 9.00
C VAL A 160 -7.03 -13.37 8.48
N ASN A 161 -7.90 -12.97 9.40
CA ASN A 161 -9.16 -12.31 9.04
C ASN A 161 -8.93 -10.96 8.35
N SER A 162 -8.03 -10.16 8.90
CA SER A 162 -7.65 -8.88 8.28
C SER A 162 -7.16 -9.07 6.83
N LYS A 163 -6.17 -9.94 6.64
CA LYS A 163 -5.66 -10.26 5.30
C LYS A 163 -6.80 -10.70 4.35
N LYS A 164 -7.69 -11.55 4.83
CA LYS A 164 -8.83 -12.06 4.04
C LYS A 164 -9.75 -10.94 3.56
N THR A 165 -10.12 -10.08 4.50
CA THR A 165 -11.01 -8.95 4.21
C THR A 165 -10.33 -7.92 3.29
N LEU A 166 -9.03 -7.68 3.51
CA LEU A 166 -8.26 -6.78 2.66
C LEU A 166 -8.27 -7.22 1.20
N ARG A 167 -8.18 -8.54 0.99
CA ARG A 167 -8.36 -9.12 -0.34
C ARG A 167 -9.81 -9.02 -0.81
N GLU A 168 -10.74 -9.48 0.03
CA GLU A 168 -12.20 -9.45 -0.23
C GLU A 168 -12.68 -8.15 -0.88
N VAL A 169 -12.27 -7.02 -0.30
CA VAL A 169 -12.71 -5.69 -0.75
C VAL A 169 -12.06 -5.18 -2.05
N GLY A 170 -11.06 -5.89 -2.58
CA GLY A 170 -10.40 -5.49 -3.83
C GLY A 170 -9.48 -4.29 -3.65
N SER A 171 -8.79 -4.24 -2.51
CA SER A 171 -7.97 -3.08 -2.16
C SER A 171 -6.63 -3.04 -2.89
N VAL A 172 -6.16 -4.20 -3.34
CA VAL A 172 -4.90 -4.30 -4.07
C VAL A 172 -5.08 -3.72 -5.47
N LYS A 173 -6.09 -4.22 -6.19
CA LYS A 173 -6.42 -3.76 -7.54
C LYS A 173 -6.70 -2.25 -7.56
N ALA A 174 -7.45 -1.79 -6.56
CA ALA A 174 -7.75 -0.38 -6.41
C ALA A 174 -6.51 0.46 -6.10
N LEU A 175 -5.64 -0.05 -5.22
CA LEU A 175 -4.37 0.65 -4.91
C LEU A 175 -3.45 0.72 -6.13
N MET A 176 -3.36 -0.37 -6.89
CA MET A 176 -2.49 -0.42 -8.07
C MET A 176 -3.02 0.48 -9.18
N GLU A 177 -4.32 0.42 -9.43
CA GLU A 177 -4.97 1.33 -10.39
C GLU A 177 -4.77 2.78 -9.97
N CYS A 178 -5.03 3.06 -8.69
CA CYS A 178 -4.79 4.38 -8.10
C CYS A 178 -3.36 4.86 -8.31
N ALA A 179 -2.39 3.98 -8.07
CA ALA A 179 -0.97 4.27 -8.18
C ALA A 179 -0.54 4.76 -9.56
N LEU A 180 -1.18 4.21 -10.61
CA LEU A 180 -0.86 4.58 -11.99
C LEU A 180 -1.18 6.06 -12.31
N GLU A 181 -2.19 6.62 -11.67
CA GLU A 181 -2.63 7.99 -11.96
C GLU A 181 -2.18 9.04 -10.93
N VAL A 182 -1.52 8.62 -9.85
CA VAL A 182 -1.06 9.56 -8.80
C VAL A 182 0.06 10.45 -9.32
N LYS A 183 -0.07 11.76 -9.07
CA LYS A 183 0.90 12.77 -9.51
C LYS A 183 1.76 13.39 -8.39
N LYS A 184 1.38 13.20 -7.12
CA LYS A 184 2.20 13.68 -6.00
C LYS A 184 3.08 12.56 -5.44
N GLU A 185 4.23 12.94 -4.90
CA GLU A 185 5.20 11.99 -4.35
C GLU A 185 4.84 11.56 -2.92
N SER A 186 4.20 12.44 -2.15
CA SER A 186 3.70 12.10 -0.82
C SER A 186 2.62 11.02 -0.91
N THR A 187 1.70 11.21 -1.86
CA THR A 187 0.62 10.25 -2.14
C THR A 187 1.20 8.93 -2.59
N LEU A 188 2.05 8.97 -3.60
CA LEU A 188 2.61 7.75 -4.19
C LEU A 188 3.43 6.92 -3.18
N LYS A 189 4.08 7.59 -2.23
CA LYS A 189 4.82 6.93 -1.15
C LYS A 189 3.90 6.07 -0.27
N SER A 190 2.75 6.62 0.11
CA SER A 190 1.74 5.91 0.89
C SER A 190 1.15 4.73 0.12
N VAL A 191 0.84 4.97 -1.15
CA VAL A 191 0.19 3.98 -1.99
C VAL A 191 1.09 2.77 -2.19
N LEU A 192 2.37 3.01 -2.40
CA LEU A 192 3.32 1.92 -2.63
C LEU A 192 3.65 1.16 -1.34
N SER A 193 3.68 1.85 -0.21
CA SER A 193 3.94 1.20 1.08
C SER A 193 2.89 0.13 1.35
N ALA A 194 1.62 0.49 1.17
CA ALA A 194 0.51 -0.45 1.30
C ALA A 194 0.61 -1.63 0.32
N LEU A 195 0.97 -1.33 -0.92
CA LEU A 195 1.15 -2.38 -1.93
C LEU A 195 2.32 -3.32 -1.63
N TRP A 196 3.35 -2.80 -0.99
CA TRP A 196 4.49 -3.59 -0.54
C TRP A 196 4.02 -4.61 0.52
N ASN A 197 3.22 -4.12 1.47
CA ASN A 197 2.67 -4.95 2.54
C ASN A 197 1.75 -6.03 1.97
N LEU A 198 0.78 -5.61 1.18
CA LEU A 198 -0.20 -6.52 0.62
C LEU A 198 0.41 -7.57 -0.31
N SER A 199 1.49 -7.22 -1.01
CA SER A 199 2.19 -8.17 -1.88
C SER A 199 2.75 -9.39 -1.13
N ALA A 200 3.20 -9.20 0.11
CA ALA A 200 3.68 -10.30 0.94
C ALA A 200 2.59 -11.21 1.59
N HIS A 201 1.30 -10.87 1.40
CA HIS A 201 0.21 -11.56 2.11
C HIS A 201 -0.08 -12.94 1.56
N CYS A 202 -0.36 -12.99 0.26
CA CYS A 202 -0.68 -14.24 -0.44
C CYS A 202 -0.33 -14.14 -1.92
N THR A 203 -0.31 -15.28 -2.59
CA THR A 203 0.02 -15.36 -4.01
C THR A 203 -1.06 -14.75 -4.91
N GLU A 204 -2.31 -14.78 -4.46
CA GLU A 204 -3.41 -14.21 -5.24
C GLU A 204 -3.36 -12.66 -5.26
N ASN A 205 -2.91 -12.05 -4.17
CA ASN A 205 -2.59 -10.61 -4.15
C ASN A 205 -1.52 -10.23 -5.17
N LYS A 206 -0.46 -11.03 -5.21
CA LYS A 206 0.65 -10.84 -6.15
C LYS A 206 0.15 -10.96 -7.59
N ALA A 207 -0.61 -12.02 -7.85
CA ALA A 207 -1.27 -12.23 -9.14
C ALA A 207 -2.11 -11.03 -9.57
N ASP A 208 -2.88 -10.48 -8.63
CA ASP A 208 -3.74 -9.33 -8.90
C ASP A 208 -2.94 -8.06 -9.26
N ILE A 209 -1.79 -7.85 -8.62
CA ILE A 209 -0.94 -6.70 -8.93
C ILE A 209 -0.49 -6.75 -10.40
N CYS A 210 -0.07 -7.94 -10.83
CA CYS A 210 0.36 -8.16 -12.21
C CYS A 210 -0.82 -8.14 -13.21
N ALA A 211 -1.98 -8.65 -12.78
CA ALA A 211 -3.19 -8.67 -13.61
C ALA A 211 -3.62 -7.29 -14.14
N VAL A 212 -3.30 -6.24 -13.40
CA VAL A 212 -3.66 -4.86 -13.80
C VAL A 212 -2.81 -4.43 -14.99
N ASP A 213 -3.44 -3.75 -15.95
CA ASP A 213 -2.78 -3.33 -17.19
C ASP A 213 -1.86 -2.13 -16.97
N GLY A 214 -0.65 -2.21 -17.52
CA GLY A 214 0.38 -1.19 -17.32
C GLY A 214 1.09 -1.22 -15.97
N ALA A 215 0.74 -2.20 -15.13
CA ALA A 215 1.15 -2.21 -13.73
C ALA A 215 2.63 -2.58 -13.56
N LEU A 216 3.05 -3.65 -14.23
CA LEU A 216 4.45 -4.09 -14.16
C LEU A 216 5.38 -3.06 -14.78
N ALA A 217 4.97 -2.50 -15.92
CA ALA A 217 5.69 -1.41 -16.59
C ALA A 217 5.94 -0.22 -15.65
N PHE A 218 4.89 0.20 -14.95
CA PHE A 218 4.99 1.27 -13.95
C PHE A 218 6.02 0.95 -12.88
N LEU A 219 6.01 -0.29 -12.39
CA LEU A 219 6.94 -0.74 -11.34
C LEU A 219 8.41 -0.79 -11.76
N VAL A 220 8.67 -1.06 -13.03
CA VAL A 220 10.04 -0.96 -13.57
C VAL A 220 10.47 0.51 -13.63
N GLY A 221 9.51 1.38 -13.94
CA GLY A 221 9.71 2.83 -13.92
C GLY A 221 10.17 3.36 -12.57
N THR A 222 9.61 2.83 -11.48
CA THR A 222 9.95 3.27 -10.12
C THR A 222 11.44 3.08 -9.80
N LEU A 223 12.06 2.08 -10.41
CA LEU A 223 13.47 1.76 -10.17
C LEU A 223 14.39 2.91 -10.59
N THR A 224 14.00 3.63 -11.64
CA THR A 224 14.79 4.72 -12.21
C THR A 224 14.00 6.04 -12.12
N TYR A 225 13.40 6.27 -10.94
CA TYR A 225 12.50 7.41 -10.69
C TYR A 225 13.32 8.56 -10.11
N ARG A 226 13.35 9.69 -10.82
CA ARG A 226 14.01 10.90 -10.30
C ARG A 226 13.11 11.55 -9.25
N SER A 227 13.44 11.27 -7.99
CA SER A 227 12.77 11.87 -6.85
C SER A 227 13.15 13.35 -6.73
N GLN A 228 12.18 14.15 -6.33
CA GLN A 228 12.45 15.47 -5.76
C GLN A 228 12.70 15.24 -4.28
N THR A 229 13.16 16.27 -3.58
CA THR A 229 13.35 16.22 -2.11
C THR A 229 14.49 15.31 -1.58
N ASN A 230 15.35 14.78 -2.47
CA ASN A 230 16.58 14.06 -2.06
C ASN A 230 16.32 12.81 -1.18
N THR A 231 15.36 11.98 -1.59
CA THR A 231 14.97 10.77 -0.84
C THR A 231 14.84 9.57 -1.76
N LEU A 232 14.89 8.37 -1.16
CA LEU A 232 14.89 7.11 -1.90
C LEU A 232 13.70 6.17 -1.59
N ALA A 233 12.76 6.63 -0.77
CA ALA A 233 11.68 5.77 -0.24
C ALA A 233 10.86 5.10 -1.33
N ILE A 234 10.56 5.84 -2.39
CA ILE A 234 9.76 5.35 -3.50
C ILE A 234 10.45 4.26 -4.33
N ILE A 235 11.77 4.36 -4.50
CA ILE A 235 12.55 3.36 -5.23
C ILE A 235 12.66 2.10 -4.36
N GLU A 236 12.80 2.30 -3.05
CA GLU A 236 12.84 1.19 -2.08
C GLU A 236 11.52 0.40 -2.05
N SER A 237 10.39 1.12 -1.97
CA SER A 237 9.07 0.47 -1.91
C SER A 237 8.61 -0.08 -3.26
N GLY A 238 8.91 0.63 -4.34
CA GLY A 238 8.54 0.20 -5.69
C GLY A 238 9.27 -1.07 -6.10
N GLY A 239 10.57 -1.11 -5.88
CA GLY A 239 11.37 -2.32 -6.07
C GLY A 239 11.03 -3.43 -5.09
N GLY A 240 10.65 -3.04 -3.87
CA GLY A 240 10.22 -3.99 -2.84
C GLY A 240 8.97 -4.75 -3.21
N ILE A 241 8.02 -4.06 -3.85
CA ILE A 241 6.82 -4.69 -4.42
C ILE A 241 7.24 -5.69 -5.48
N LEU A 242 8.00 -5.20 -6.46
CA LEU A 242 8.48 -6.01 -7.58
C LEU A 242 9.14 -7.30 -7.13
N ARG A 243 9.97 -7.19 -6.08
CA ARG A 243 10.63 -8.34 -5.49
C ARG A 243 9.63 -9.39 -5.00
N ASN A 244 8.60 -8.95 -4.29
CA ASN A 244 7.59 -9.87 -3.74
C ASN A 244 6.85 -10.61 -4.84
N VAL A 245 6.40 -9.86 -5.86
CA VAL A 245 5.67 -10.45 -6.98
C VAL A 245 6.53 -11.17 -8.02
N SER A 246 7.84 -10.88 -8.05
CA SER A 246 8.75 -11.53 -9.01
C SER A 246 8.76 -13.06 -8.95
N SER A 247 8.36 -13.61 -7.80
CA SER A 247 8.10 -15.05 -7.65
C SER A 247 7.16 -15.59 -8.73
N LEU A 248 6.02 -14.93 -8.92
CA LEU A 248 5.04 -15.34 -9.95
C LEU A 248 5.36 -14.83 -11.35
N ILE A 249 6.15 -13.75 -11.46
CA ILE A 249 6.67 -13.31 -12.76
C ILE A 249 7.56 -14.40 -13.41
N ALA A 250 8.33 -15.13 -12.61
CA ALA A 250 9.26 -16.13 -13.15
C ALA A 250 8.58 -17.22 -13.98
N THR A 251 7.44 -17.74 -13.51
CA THR A 251 6.67 -18.76 -14.24
C THR A 251 5.86 -18.21 -15.42
N ASN A 252 5.69 -16.88 -15.50
CA ASN A 252 4.93 -16.22 -16.57
C ASN A 252 5.84 -15.55 -17.61
N GLU A 253 5.77 -16.03 -18.86
CA GLU A 253 6.59 -15.49 -19.95
C GLU A 253 6.11 -14.11 -20.40
N ASP A 254 4.79 -13.94 -20.52
CA ASP A 254 4.18 -12.67 -20.94
C ASP A 254 4.69 -11.49 -20.12
N HIS A 255 4.73 -11.68 -18.80
CA HIS A 255 5.18 -10.66 -17.86
C HIS A 255 6.69 -10.43 -17.90
N ARG A 256 7.46 -11.51 -18.07
CA ARG A 256 8.91 -11.39 -18.28
C ARG A 256 9.24 -10.47 -19.46
N GLN A 257 8.48 -10.60 -20.55
CA GLN A 257 8.66 -9.76 -21.73
C GLN A 257 8.46 -8.27 -21.43
N ILE A 258 7.52 -7.97 -20.54
CA ILE A 258 7.28 -6.59 -20.11
C ILE A 258 8.47 -6.03 -19.30
N LEU A 259 9.09 -6.88 -18.48
CA LEU A 259 10.34 -6.51 -17.78
C LEU A 259 11.49 -6.29 -18.76
N ARG A 260 11.64 -7.20 -19.73
CA ARG A 260 12.68 -7.10 -20.75
C ARG A 260 12.59 -5.77 -21.48
N GLU A 261 11.43 -5.52 -22.08
CA GLU A 261 11.24 -4.33 -22.91
C GLU A 261 11.37 -3.00 -22.17
N ASN A 262 11.19 -3.00 -20.85
CA ASN A 262 11.45 -1.83 -20.01
C ASN A 262 12.82 -1.85 -19.31
N ASN A 263 13.77 -2.63 -19.83
CA ASN A 263 15.16 -2.66 -19.35
C ASN A 263 15.30 -2.94 -17.85
N CYS A 264 14.47 -3.84 -17.33
CA CYS A 264 14.41 -4.15 -15.90
C CYS A 264 15.72 -4.76 -15.35
N LEU A 265 16.19 -5.81 -16.02
CA LEU A 265 17.36 -6.57 -15.55
C LEU A 265 18.65 -5.75 -15.47
N GLN A 266 18.84 -4.82 -16.42
CA GLN A 266 20.01 -3.92 -16.46
C GLN A 266 19.99 -3.02 -15.23
N THR A 267 18.81 -2.50 -14.95
CA THR A 267 18.57 -1.67 -13.77
C THR A 267 18.77 -2.46 -12.47
N LEU A 268 18.32 -3.71 -12.44
CA LEU A 268 18.52 -4.56 -11.25
C LEU A 268 20.02 -4.72 -10.96
N LEU A 269 20.81 -4.99 -12.00
CA LEU A 269 22.26 -5.12 -11.86
C LEU A 269 22.94 -3.78 -11.55
N GLN A 270 22.36 -2.69 -12.05
CA GLN A 270 22.79 -1.34 -11.70
C GLN A 270 22.53 -1.05 -10.21
N HIS A 271 21.36 -1.48 -9.72
CA HIS A 271 20.96 -1.34 -8.30
C HIS A 271 21.83 -2.13 -7.32
N LEU A 272 22.56 -3.14 -7.80
CA LEU A 272 23.52 -3.85 -6.95
C LEU A 272 24.73 -3.00 -6.55
N LYS A 273 24.95 -1.87 -7.23
CA LYS A 273 26.02 -0.92 -6.91
C LYS A 273 25.49 0.29 -6.11
N SER A 274 24.30 0.16 -5.51
CA SER A 274 23.64 1.30 -4.84
C SER A 274 24.14 1.48 -3.41
N HIS A 275 24.18 2.74 -2.96
CA HIS A 275 24.55 3.06 -1.57
C HIS A 275 23.44 2.68 -0.56
N SER A 276 22.19 2.60 -1.03
CA SER A 276 21.08 2.13 -0.19
C SER A 276 21.12 0.61 -0.04
N LEU A 277 20.84 0.17 1.18
CA LEU A 277 20.95 -1.24 1.54
C LEU A 277 19.66 -2.03 1.22
N THR A 278 18.52 -1.35 1.24
CA THR A 278 17.22 -1.94 0.89
C THR A 278 17.11 -2.16 -0.63
N ILE A 279 17.59 -1.18 -1.38
CA ILE A 279 17.62 -1.25 -2.85
C ILE A 279 18.40 -2.49 -3.28
N VAL A 280 19.59 -2.65 -2.72
CA VAL A 280 20.42 -3.82 -3.00
C VAL A 280 19.71 -5.12 -2.59
N SER A 281 19.01 -5.11 -1.45
CA SER A 281 18.29 -6.30 -0.95
C SER A 281 17.13 -6.71 -1.85
N ASN A 282 16.38 -5.72 -2.30
CA ASN A 282 15.27 -5.94 -3.22
C ASN A 282 15.77 -6.45 -4.56
N ALA A 283 16.91 -5.91 -5.02
CA ALA A 283 17.53 -6.34 -6.26
C ALA A 283 17.94 -7.81 -6.24
N CYS A 284 18.59 -8.22 -5.15
CA CYS A 284 19.07 -9.61 -4.99
C CYS A 284 17.93 -10.62 -4.89
N GLY A 285 16.85 -10.23 -4.22
CA GLY A 285 15.67 -11.07 -4.08
C GLY A 285 14.86 -11.18 -5.36
N THR A 286 14.85 -10.11 -6.14
CA THR A 286 14.20 -10.10 -7.46
C THR A 286 14.99 -10.96 -8.45
N LEU A 287 16.32 -10.84 -8.43
CA LEU A 287 17.18 -11.64 -9.30
C LEU A 287 17.16 -13.12 -8.89
N TRP A 288 17.09 -13.40 -7.59
CA TRP A 288 16.88 -14.78 -7.08
C TRP A 288 15.70 -15.44 -7.81
N ASN A 289 14.54 -14.78 -7.77
CA ASN A 289 13.34 -15.29 -8.43
C ASN A 289 13.46 -15.31 -9.97
N LEU A 290 13.95 -14.21 -10.54
CA LEU A 290 14.06 -14.06 -12.00
C LEU A 290 15.15 -14.94 -12.66
N SER A 291 16.20 -15.29 -11.91
CA SER A 291 17.28 -16.13 -12.45
C SER A 291 16.93 -17.64 -12.56
N ALA A 292 15.81 -18.06 -11.98
CA ALA A 292 15.35 -19.45 -12.10
C ALA A 292 14.49 -19.66 -13.34
N ARG A 293 14.64 -20.82 -13.97
CA ARG A 293 13.73 -21.34 -15.03
C ARG A 293 13.72 -20.69 -16.44
N ASN A 294 14.36 -19.54 -16.66
CA ASN A 294 14.34 -18.86 -17.98
C ASN A 294 15.74 -18.77 -18.62
N PRO A 295 16.02 -19.64 -19.60
CA PRO A 295 17.31 -19.64 -20.31
C PRO A 295 17.78 -18.28 -20.82
N LYS A 296 16.87 -17.51 -21.42
CA LYS A 296 17.24 -16.26 -22.07
C LYS A 296 17.61 -15.16 -21.07
N ASP A 297 16.81 -15.02 -20.01
CA ASP A 297 17.13 -14.11 -18.91
C ASP A 297 18.37 -14.57 -18.13
N GLN A 298 18.53 -15.89 -18.00
CA GLN A 298 19.75 -16.46 -17.43
C GLN A 298 20.95 -16.07 -18.27
N GLU A 299 20.87 -16.29 -19.58
CA GLU A 299 21.94 -15.96 -20.51
C GLU A 299 22.19 -14.45 -20.57
N ALA A 300 21.12 -13.67 -20.54
CA ALA A 300 21.20 -12.21 -20.48
C ALA A 300 22.04 -11.73 -19.29
N LEU A 301 21.75 -12.27 -18.10
CA LEU A 301 22.46 -11.91 -16.87
C LEU A 301 23.91 -12.37 -16.86
N TRP A 302 24.19 -13.54 -17.43
CA TRP A 302 25.55 -13.99 -17.70
C TRP A 302 26.30 -12.94 -18.53
N ASP A 303 25.68 -12.53 -19.64
CA ASP A 303 26.28 -11.57 -20.57
C ASP A 303 26.56 -10.21 -19.94
N MET A 304 25.72 -9.80 -18.99
CA MET A 304 25.82 -8.47 -18.36
C MET A 304 26.79 -8.36 -17.17
N GLY A 305 27.46 -9.45 -16.85
CA GLY A 305 28.44 -9.46 -15.77
C GLY A 305 27.81 -9.59 -14.39
N ALA A 306 26.68 -10.30 -14.32
CA ALA A 306 25.96 -10.48 -13.06
C ALA A 306 26.71 -11.40 -12.09
N VAL A 307 27.43 -12.38 -12.63
CA VAL A 307 28.15 -13.35 -11.81
C VAL A 307 29.25 -12.69 -10.97
N SER A 308 30.04 -11.79 -11.57
CA SER A 308 31.11 -11.07 -10.83
C SER A 308 30.54 -10.03 -9.84
N MET A 309 29.37 -9.47 -10.16
CA MET A 309 28.66 -8.54 -9.26
C MET A 309 28.10 -9.26 -8.03
N LEU A 310 27.48 -10.42 -8.24
CA LEU A 310 26.93 -11.24 -7.15
C LEU A 310 27.99 -11.81 -6.18
N LYS A 311 29.19 -12.08 -6.70
CA LYS A 311 30.29 -12.63 -5.90
C LYS A 311 30.80 -11.65 -4.81
N ASN A 312 30.62 -10.34 -5.01
CA ASN A 312 31.00 -9.34 -4.00
C ASN A 312 30.10 -9.38 -2.77
N LEU A 313 28.81 -9.61 -3.00
CA LEU A 313 27.78 -9.40 -1.98
C LEU A 313 27.47 -10.63 -1.10
N ILE A 314 28.11 -11.78 -1.36
CA ILE A 314 27.91 -12.97 -0.52
C ILE A 314 28.55 -12.87 0.88
N HIS A 315 29.56 -12.01 1.03
CA HIS A 315 30.22 -11.78 2.32
C HIS A 315 29.81 -10.43 2.93
N SER A 316 28.50 -10.23 3.04
CA SER A 316 27.91 -9.04 3.64
C SER A 316 27.26 -9.45 4.96
N LYS A 317 27.34 -8.59 5.97
CA LYS A 317 26.61 -8.81 7.22
C LYS A 317 25.15 -8.33 7.07
N HIS A 318 24.39 -9.05 6.25
CA HIS A 318 22.98 -8.79 6.02
C HIS A 318 22.33 -10.09 5.54
N LYS A 319 21.55 -10.71 6.42
CA LYS A 319 20.89 -12.00 6.18
C LYS A 319 20.38 -12.16 4.74
N MET A 320 19.58 -11.20 4.28
CA MET A 320 18.91 -11.26 2.97
C MET A 320 19.70 -10.72 1.75
N ILE A 321 20.78 -9.97 1.97
CA ILE A 321 21.73 -9.67 0.86
C ILE A 321 22.66 -10.87 0.62
N ALA A 322 23.18 -11.42 1.71
CA ALA A 322 24.06 -12.60 1.66
C ALA A 322 23.35 -13.81 1.06
N MET A 323 22.12 -14.08 1.51
CA MET A 323 21.31 -15.18 0.94
C MET A 323 20.91 -14.91 -0.49
N GLY A 324 20.35 -13.73 -0.73
CA GLY A 324 19.83 -13.34 -2.05
C GLY A 324 20.85 -13.45 -3.17
N SER A 325 22.03 -12.86 -2.95
CA SER A 325 23.12 -12.92 -3.92
C SER A 325 23.59 -14.35 -4.19
N ALA A 326 23.80 -15.12 -3.13
CA ALA A 326 24.26 -16.51 -3.23
C ALA A 326 23.21 -17.43 -3.84
N ALA A 327 21.95 -17.25 -3.48
CA ALA A 327 20.85 -18.07 -4.02
C ALA A 327 20.65 -17.82 -5.52
N ALA A 328 20.82 -16.56 -5.93
CA ALA A 328 20.76 -16.18 -7.36
C ALA A 328 21.98 -16.67 -8.13
N LEU A 329 23.17 -16.42 -7.56
CA LEU A 329 24.44 -16.90 -8.12
C LEU A 329 24.44 -18.42 -8.29
N ARG A 330 23.85 -19.12 -7.33
CA ARG A 330 23.56 -20.56 -7.44
C ARG A 330 22.83 -20.88 -8.74
N ASN A 331 21.70 -20.22 -8.98
CA ASN A 331 20.88 -20.49 -10.18
C ASN A 331 21.62 -20.24 -11.51
N LEU A 332 22.45 -19.21 -11.53
CA LEU A 332 23.24 -18.86 -12.71
C LEU A 332 24.31 -19.91 -13.03
N MET A 333 25.08 -20.28 -12.01
CA MET A 333 26.14 -21.28 -12.18
C MET A 333 25.55 -22.65 -12.51
N ALA A 334 24.38 -22.97 -11.95
CA ALA A 334 23.69 -24.23 -12.21
C ALA A 334 23.07 -24.35 -13.61
N ASN A 335 22.88 -23.23 -14.29
CA ASN A 335 22.37 -23.22 -15.66
C ASN A 335 23.25 -22.32 -16.54
N ARG A 336 24.51 -22.72 -16.67
CA ARG A 336 25.52 -22.00 -17.45
C ARG A 336 25.22 -22.15 -18.95
N PRO A 337 25.25 -21.05 -19.73
CA PRO A 337 24.90 -21.16 -21.17
C PRO A 337 25.98 -21.85 -22.00
N ALA A 338 25.58 -22.35 -23.17
CA ALA A 338 26.46 -23.09 -24.08
C ALA A 338 27.68 -22.29 -24.55
N LYS A 339 27.50 -20.98 -24.76
CA LYS A 339 28.61 -20.04 -25.07
C LYS A 339 29.78 -20.14 -24.11
N TYR A 340 29.45 -20.20 -22.81
CA TYR A 340 30.43 -20.22 -21.73
C TYR A 340 30.89 -21.65 -21.40
N LYS A 341 31.67 -22.26 -22.29
CA LYS A 341 32.18 -23.64 -22.08
C LYS A 341 33.56 -23.82 -22.69
N GLY B 2 6.45 -2.16 4.04
CA GLY B 2 5.98 -0.90 3.53
C GLY B 2 6.12 -0.49 4.94
N GLY B 3 5.59 -1.27 5.90
CA GLY B 3 5.70 -0.91 7.33
C GLY B 3 4.42 -0.23 7.74
N GLU B 4 4.50 0.58 8.79
CA GLU B 4 3.36 1.40 9.25
C GLU B 4 3.81 2.74 9.83
N ALA B 5 2.85 3.62 10.05
CA ALA B 5 3.12 4.97 10.54
C ALA B 5 1.87 5.69 11.01
N LEU B 6 2.07 6.68 11.87
CA LEU B 6 1.06 7.67 12.21
C LEU B 6 0.82 8.57 11.00
N ALA B 7 -0.31 9.27 11.02
CA ALA B 7 -0.66 10.21 9.96
C ALA B 7 0.38 11.32 9.83
N ASP B 8 0.58 11.82 8.62
CA ASP B 8 1.46 12.95 8.35
C ASP B 8 0.65 14.23 8.45
#